data_9HQJ
#
_entry.id   9HQJ
#
_cell.length_a   37.944
_cell.length_b   43.778
_cell.length_c   55.839
_cell.angle_alpha   90.000
_cell.angle_beta   94.030
_cell.angle_gamma   90.000
#
_symmetry.space_group_name_H-M   'P 1 21 1'
#
loop_
_entity.id
_entity.type
_entity.pdbx_description
1 polymer 'Heterogeneous nuclear ribonucleoprotein A1, N-terminally processed'
2 non-polymer 2-fluoranyl-~{N}-(1,3,4-thiadiazol-2-yl)benzamide
3 water water
#
_entity_poly.entity_id   1
_entity_poly.type   'polypeptide(L)'
_entity_poly.pdbx_seq_one_letter_code
;GPMGSKSESPKEPEQLRKLFIGGLSFETTDESLRSHFEQWGTLTDCVVMRDPNTKRSRGFGFVTYATVEEVDAAMNARPH
KVDGRVVEPKRAVSREDSQRPGAHLTVKKIFVGGIKEDTEEHHLRDYFEQYGKIEVIEIMTDRGSGKKRGFAFVTFDDHD
SVDKIVIQKYHTVNGHNCEVRKALSKQEMASASSSQRG
;
_entity_poly.pdbx_strand_id   A
#
loop_
_chem_comp.id
_chem_comp.type
_chem_comp.name
_chem_comp.formula
A1H9T non-polymer 2-fluoranyl-~{N}-(1,3,4-thiadiazol-2-yl)benzamide 'C9 H6 F N3 O S'
#
# COMPACT_ATOMS: atom_id res chain seq x y z
N LYS A 11 17.93 -1.54 -10.49
CA LYS A 11 17.33 -1.29 -9.18
C LYS A 11 16.02 -0.49 -9.31
N GLU A 12 15.01 -0.94 -8.57
CA GLU A 12 13.74 -0.26 -8.58
C GLU A 12 13.92 1.18 -8.14
N PRO A 13 13.12 2.10 -8.66
CA PRO A 13 13.18 3.51 -8.21
C PRO A 13 13.10 3.63 -6.70
N GLU A 14 13.96 4.48 -6.16
CA GLU A 14 14.03 4.65 -4.71
C GLU A 14 12.69 5.02 -4.09
N GLN A 15 11.90 5.85 -4.78
CA GLN A 15 10.59 6.24 -4.22
C GLN A 15 9.74 5.03 -3.89
N LEU A 16 9.86 3.96 -4.69
CA LEU A 16 9.03 2.78 -4.49
C LEU A 16 9.60 1.86 -3.41
N ARG A 17 10.77 2.18 -2.85
CA ARG A 17 11.39 1.36 -1.82
C ARG A 17 11.31 1.99 -0.44
N LYS A 18 10.60 3.12 -0.32
CA LYS A 18 10.52 3.88 0.92
C LYS A 18 9.27 3.52 1.70
N LEU A 19 9.39 3.53 3.02
CA LEU A 19 8.21 3.54 3.86
C LEU A 19 8.25 4.77 4.74
N PHE A 20 7.17 5.56 4.68
N PHE A 20 7.07 5.38 4.88
CA PHE A 20 6.95 6.58 5.69
CA PHE A 20 6.85 6.59 5.65
C PHE A 20 6.46 5.88 6.94
C PHE A 20 6.22 6.17 6.98
N ILE A 21 6.97 6.27 8.09
CA ILE A 21 6.58 5.66 9.36
C ILE A 21 6.02 6.74 10.27
N GLY A 22 4.71 6.74 10.48
CA GLY A 22 4.07 7.68 11.38
C GLY A 22 3.85 7.10 12.76
N GLY A 23 3.52 8.00 13.70
CA GLY A 23 3.19 7.57 15.03
C GLY A 23 4.37 7.09 15.86
N LEU A 24 5.57 7.58 15.57
CA LEU A 24 6.74 7.13 16.30
C LEU A 24 6.69 7.61 17.74
N SER A 25 7.24 6.80 18.62
CA SER A 25 7.65 7.30 19.92
C SER A 25 8.66 8.42 19.74
N PHE A 26 8.51 9.47 20.55
CA PHE A 26 9.50 10.55 20.50
C PHE A 26 10.88 10.07 20.93
N GLU A 27 10.98 8.91 21.63
CA GLU A 27 12.28 8.34 21.97
C GLU A 27 12.93 7.56 20.82
N THR A 28 12.22 7.27 19.74
CA THR A 28 12.82 6.52 18.64
C THR A 28 13.88 7.35 17.93
N THR A 29 15.00 6.70 17.61
CA THR A 29 16.16 7.35 16.99
C THR A 29 16.42 6.72 15.63
N ASP A 30 17.29 7.38 14.84
CA ASP A 30 17.72 6.76 13.59
C ASP A 30 18.16 5.32 13.84
N GLU A 31 18.93 5.13 14.92
CA GLU A 31 19.49 3.80 15.20
C GLU A 31 18.42 2.81 15.62
N SER A 32 17.47 3.21 16.48
CA SER A 32 16.48 2.23 16.94
C SER A 32 15.45 1.94 15.85
N LEU A 33 15.10 2.94 15.04
CA LEU A 33 14.22 2.67 13.91
C LEU A 33 14.88 1.71 12.93
N ARG A 34 16.19 1.89 12.69
CA ARG A 34 16.94 1.01 11.78
C ARG A 34 17.01 -0.41 12.34
N SER A 35 17.39 -0.55 13.61
CA SER A 35 17.47 -1.89 14.20
C SER A 35 16.14 -2.61 14.10
N HIS A 36 15.03 -1.90 14.24
CA HIS A 36 13.74 -2.55 14.10
C HIS A 36 13.50 -2.99 12.66
N PHE A 37 13.58 -2.06 11.72
CA PHE A 37 13.13 -2.40 10.37
C PHE A 37 14.15 -3.19 9.56
N GLU A 38 15.40 -3.29 10.02
CA GLU A 38 16.36 -4.18 9.34
C GLU A 38 15.97 -5.64 9.49
N GLN A 39 15.00 -5.96 10.36
CA GLN A 39 14.56 -7.35 10.42
C GLN A 39 13.94 -7.83 9.10
N TRP A 40 13.46 -6.91 8.26
CA TRP A 40 12.78 -7.32 7.03
C TRP A 40 13.53 -6.97 5.76
N GLY A 41 14.75 -6.50 5.85
CA GLY A 41 15.55 -6.29 4.67
C GLY A 41 16.70 -5.34 4.93
N THR A 42 17.51 -5.17 3.88
CA THR A 42 18.60 -4.20 3.91
C THR A 42 18.06 -2.79 3.81
N LEU A 43 18.42 -1.92 4.76
CA LEU A 43 18.04 -0.51 4.74
C LEU A 43 19.18 0.33 4.18
N THR A 44 18.92 1.01 3.05
CA THR A 44 19.87 1.98 2.52
C THR A 44 19.76 3.37 3.14
N ASP A 45 18.65 3.65 3.83
CA ASP A 45 18.44 4.95 4.49
C ASP A 45 17.45 4.72 5.63
N CYS A 46 17.58 5.52 6.68
CA CYS A 46 16.68 5.41 7.82
C CYS A 46 16.84 6.68 8.64
N VAL A 47 15.78 7.48 8.73
CA VAL A 47 15.88 8.81 9.34
C VAL A 47 14.63 9.06 10.17
N VAL A 48 14.82 9.63 11.36
CA VAL A 48 13.73 10.19 12.18
C VAL A 48 13.70 11.69 11.92
N MET A 49 12.53 12.23 11.57
CA MET A 49 12.40 13.67 11.37
C MET A 49 12.38 14.36 12.71
N ARG A 50 13.17 15.43 12.86
CA ARG A 50 13.32 16.16 14.10
C ARG A 50 13.16 17.65 13.84
N ASP A 51 12.81 18.37 14.89
CA ASP A 51 12.78 19.83 14.81
C ASP A 51 14.20 20.37 14.58
N PRO A 52 14.38 21.35 13.69
CA PRO A 52 15.74 21.87 13.44
C PRO A 52 16.37 22.60 14.61
N ASN A 53 15.57 23.18 15.51
CA ASN A 53 16.11 23.92 16.64
C ASN A 53 16.17 23.11 17.93
N THR A 54 15.10 22.38 18.27
CA THR A 54 15.06 21.63 19.52
C THR A 54 15.63 20.22 19.42
N LYS A 55 15.73 19.67 18.20
CA LYS A 55 16.07 18.26 17.95
C LYS A 55 15.01 17.30 18.50
N ARG A 56 13.89 17.82 18.98
CA ARG A 56 12.80 16.96 19.43
C ARG A 56 12.15 16.29 18.23
N SER A 57 11.86 14.99 18.38
CA SER A 57 11.27 14.23 17.29
C SER A 57 9.96 14.84 16.83
N ARG A 58 9.74 14.81 15.51
CA ARG A 58 8.46 15.16 14.91
C ARG A 58 7.49 13.97 14.92
N GLY A 59 7.91 12.81 15.42
CA GLY A 59 6.96 11.71 15.54
C GLY A 59 6.79 10.88 14.28
N PHE A 60 7.63 11.11 13.28
CA PHE A 60 7.59 10.29 12.08
C PHE A 60 8.98 10.26 11.46
N GLY A 61 9.14 9.32 10.54
CA GLY A 61 10.41 9.14 9.88
C GLY A 61 10.21 8.32 8.64
N PHE A 62 11.31 7.91 8.03
N PHE A 62 11.32 7.87 8.06
CA PHE A 62 11.18 7.05 6.86
CA PHE A 62 11.25 7.10 6.83
C PHE A 62 12.34 6.08 6.80
C PHE A 62 12.35 6.05 6.86
N VAL A 63 12.11 4.94 6.16
CA VAL A 63 13.15 3.95 5.94
C VAL A 63 13.14 3.65 4.45
N THR A 64 14.32 3.34 3.90
CA THR A 64 14.43 2.96 2.50
C THR A 64 15.06 1.57 2.41
N TYR A 65 14.33 0.62 1.85
CA TYR A 65 14.86 -0.72 1.63
C TYR A 65 15.61 -0.82 0.30
N ALA A 66 16.41 -1.90 0.18
CA ALA A 66 17.13 -2.16 -1.06
C ALA A 66 16.22 -2.62 -2.20
N THR A 67 15.11 -3.28 -1.89
CA THR A 67 14.22 -3.82 -2.92
C THR A 67 12.76 -3.65 -2.49
N VAL A 68 11.88 -3.69 -3.51
CA VAL A 68 10.44 -3.62 -3.25
C VAL A 68 9.96 -4.86 -2.49
N GLU A 69 10.53 -6.04 -2.78
CA GLU A 69 10.14 -7.21 -2.01
C GLU A 69 10.38 -7.03 -0.52
N GLU A 70 11.43 -6.29 -0.15
CA GLU A 70 11.66 -6.02 1.26
C GLU A 70 10.59 -5.07 1.83
N VAL A 71 10.16 -4.06 1.05
CA VAL A 71 9.05 -3.22 1.49
C VAL A 71 7.83 -4.10 1.77
N ASP A 72 7.54 -5.03 0.85
CA ASP A 72 6.41 -5.93 1.02
C ASP A 72 6.55 -6.73 2.31
N ALA A 73 7.75 -7.26 2.58
CA ALA A 73 7.97 -8.04 3.78
C ALA A 73 7.70 -7.21 5.03
N ALA A 74 8.15 -5.96 5.01
CA ALA A 74 7.91 -5.10 6.16
C ALA A 74 6.42 -4.83 6.34
N MET A 75 5.71 -4.53 5.25
CA MET A 75 4.28 -4.29 5.37
C MET A 75 3.53 -5.54 5.78
N ASN A 76 3.99 -6.72 5.35
CA ASN A 76 3.33 -7.95 5.76
C ASN A 76 3.56 -8.27 7.22
N ALA A 77 4.57 -7.67 7.86
CA ALA A 77 4.84 -7.90 9.28
C ALA A 77 4.15 -6.90 10.21
N ARG A 78 3.30 -6.01 9.67
CA ARG A 78 2.50 -5.16 10.53
C ARG A 78 1.60 -6.05 11.39
N PRO A 79 1.18 -5.56 12.55
CA PRO A 79 1.52 -4.27 13.16
C PRO A 79 2.93 -4.25 13.71
N HIS A 80 3.59 -3.10 13.55
CA HIS A 80 4.94 -2.91 14.04
C HIS A 80 4.88 -2.09 15.33
N LYS A 81 5.42 -2.67 16.40
CA LYS A 81 5.57 -1.98 17.67
C LYS A 81 7.03 -1.58 17.78
N VAL A 82 7.32 -0.28 17.72
CA VAL A 82 8.69 0.23 17.66
C VAL A 82 8.91 1.03 18.93
N ASP A 83 9.88 0.60 19.73
CA ASP A 83 10.16 1.26 21.01
C ASP A 83 8.89 1.44 21.83
N GLY A 84 8.03 0.42 21.82
CA GLY A 84 6.88 0.38 22.71
C GLY A 84 5.61 0.96 22.14
N ARG A 85 5.63 1.50 20.93
CA ARG A 85 4.48 2.17 20.35
C ARG A 85 4.14 1.54 19.00
N VAL A 86 2.85 1.30 18.74
CA VAL A 86 2.47 0.78 17.42
C VAL A 86 2.55 1.93 16.43
N VAL A 87 3.33 1.74 15.36
CA VAL A 87 3.56 2.82 14.40
C VAL A 87 2.72 2.59 13.16
N GLU A 88 2.76 3.52 12.20
CA GLU A 88 1.91 3.48 11.00
C GLU A 88 2.75 3.59 9.75
N PRO A 89 3.19 2.46 9.18
CA PRO A 89 3.98 2.52 7.95
C PRO A 89 3.08 2.64 6.73
N LYS A 90 3.53 3.46 5.77
CA LYS A 90 2.80 3.60 4.50
C LYS A 90 3.81 3.79 3.38
N ARG A 91 3.54 3.22 2.20
CA ARG A 91 4.39 3.52 1.05
C ARG A 91 4.25 4.99 0.66
N ALA A 92 5.24 5.48 -0.08
CA ALA A 92 5.13 6.77 -0.76
C ALA A 92 3.83 6.92 -1.52
N HIS A 104 -0.50 11.36 1.38
CA HIS A 104 -1.01 10.02 1.13
C HIS A 104 -2.53 10.00 1.25
N LEU A 105 -3.21 9.61 0.17
CA LEU A 105 -4.66 9.44 0.19
C LEU A 105 -4.91 7.97 0.54
N THR A 106 -5.22 7.70 1.80
CA THR A 106 -5.18 6.34 2.33
C THR A 106 -6.58 5.71 2.27
N VAL A 107 -6.80 4.83 1.29
CA VAL A 107 -8.13 4.24 1.09
C VAL A 107 -7.98 2.75 0.87
N LYS A 108 -9.11 2.05 1.01
CA LYS A 108 -9.18 0.60 0.89
C LYS A 108 -9.90 0.12 -0.34
N LYS A 109 -10.32 1.02 -1.23
CA LYS A 109 -11.19 0.68 -2.33
C LYS A 109 -10.60 1.18 -3.62
N ILE A 110 -10.75 0.37 -4.68
CA ILE A 110 -10.30 0.74 -6.02
C ILE A 110 -11.46 0.67 -6.99
N PHE A 111 -11.36 1.55 -7.99
CA PHE A 111 -12.11 1.48 -9.23
C PHE A 111 -11.30 0.68 -10.24
N VAL A 112 -11.96 -0.23 -10.94
CA VAL A 112 -11.37 -1.06 -11.99
C VAL A 112 -12.19 -0.87 -13.24
N GLY A 113 -11.61 -0.25 -14.26
CA GLY A 113 -12.35 0.01 -15.47
C GLY A 113 -11.75 -0.70 -16.67
N GLY A 114 -12.54 -0.83 -17.73
CA GLY A 114 -12.09 -1.51 -18.92
C GLY A 114 -12.33 -3.01 -18.94
N ILE A 115 -13.17 -3.53 -18.03
CA ILE A 115 -13.38 -4.96 -17.93
C ILE A 115 -14.49 -5.46 -18.85
N LYS A 116 -15.21 -4.55 -19.50
CA LYS A 116 -16.25 -4.87 -20.48
C LYS A 116 -17.33 -5.76 -19.89
N GLU A 117 -18.04 -6.53 -20.73
CA GLU A 117 -19.17 -7.32 -20.23
C GLU A 117 -18.83 -8.74 -19.82
N ASP A 118 -17.67 -9.29 -20.21
CA ASP A 118 -17.43 -10.70 -19.96
C ASP A 118 -16.64 -10.94 -18.67
N THR A 119 -16.32 -9.90 -17.91
CA THR A 119 -15.53 -10.08 -16.70
C THR A 119 -16.46 -10.33 -15.52
N GLU A 120 -16.17 -11.37 -14.76
CA GLU A 120 -17.00 -11.82 -13.66
C GLU A 120 -16.23 -11.67 -12.35
N GLU A 121 -16.92 -11.94 -11.26
CA GLU A 121 -16.31 -11.74 -9.94
C GLU A 121 -15.07 -12.60 -9.73
N HIS A 122 -15.10 -13.85 -10.19
CA HIS A 122 -13.95 -14.71 -9.94
C HIS A 122 -12.71 -14.25 -10.70
N HIS A 123 -12.90 -13.58 -11.84
CA HIS A 123 -11.77 -13.00 -12.56
C HIS A 123 -11.09 -11.95 -11.69
N LEU A 124 -11.89 -11.01 -11.18
CA LEU A 124 -11.37 -9.94 -10.32
C LEU A 124 -10.80 -10.51 -9.04
N ARG A 125 -11.51 -11.48 -8.42
CA ARG A 125 -11.03 -12.09 -7.18
C ARG A 125 -9.71 -12.80 -7.36
N ASP A 126 -9.62 -13.67 -8.38
CA ASP A 126 -8.41 -14.47 -8.55
C ASP A 126 -7.20 -13.58 -8.78
N TYR A 127 -7.39 -12.45 -9.46
CA TYR A 127 -6.29 -11.53 -9.71
C TYR A 127 -5.97 -10.69 -8.47
N PHE A 128 -6.98 -9.99 -7.94
CA PHE A 128 -6.69 -9.03 -6.87
C PHE A 128 -6.43 -9.64 -5.50
N GLU A 129 -6.78 -10.92 -5.29
CA GLU A 129 -6.56 -11.52 -3.97
C GLU A 129 -5.08 -11.63 -3.64
N GLN A 130 -4.23 -11.60 -4.65
CA GLN A 130 -2.79 -11.64 -4.44
C GLN A 130 -2.22 -10.31 -4.01
N TYR A 131 -3.02 -9.23 -4.02
CA TYR A 131 -2.61 -7.95 -3.47
C TYR A 131 -3.06 -7.75 -2.03
N GLY A 132 -4.12 -8.41 -1.61
CA GLY A 132 -4.61 -8.25 -0.26
C GLY A 132 -5.92 -8.98 -0.09
N LYS A 133 -6.40 -8.97 1.14
CA LYS A 133 -7.64 -9.68 1.46
C LYS A 133 -8.82 -8.86 0.99
N ILE A 134 -9.68 -9.47 0.17
CA ILE A 134 -10.81 -8.77 -0.42
C ILE A 134 -12.02 -8.91 0.48
N GLU A 135 -12.71 -7.80 0.72
CA GLU A 135 -13.97 -7.86 1.46
C GLU A 135 -15.20 -7.64 0.60
N VAL A 136 -15.10 -6.86 -0.47
CA VAL A 136 -16.25 -6.58 -1.33
C VAL A 136 -15.81 -6.55 -2.79
N ILE A 137 -16.56 -7.20 -3.67
CA ILE A 137 -16.40 -7.01 -5.10
C ILE A 137 -17.75 -6.57 -5.65
N GLU A 138 -17.76 -5.44 -6.35
CA GLU A 138 -19.00 -4.90 -6.89
C GLU A 138 -18.84 -4.66 -8.38
N ILE A 139 -19.39 -5.55 -9.20
CA ILE A 139 -19.39 -5.40 -10.64
C ILE A 139 -20.59 -4.54 -11.02
N MET A 140 -20.35 -3.46 -11.74
CA MET A 140 -21.36 -2.41 -11.86
C MET A 140 -22.28 -2.76 -13.02
N THR A 141 -23.59 -2.58 -12.80
CA THR A 141 -24.58 -2.90 -13.82
C THR A 141 -25.47 -1.69 -14.04
N ASP A 142 -26.08 -1.66 -15.22
CA ASP A 142 -26.91 -0.53 -15.58
C ASP A 142 -28.19 -0.54 -14.75
N ARG A 143 -28.54 0.64 -14.19
CA ARG A 143 -29.67 0.76 -13.28
C ARG A 143 -30.97 0.43 -13.98
N GLY A 144 -31.05 0.66 -15.29
CA GLY A 144 -32.28 0.42 -16.06
C GLY A 144 -32.34 -0.97 -16.66
N SER A 145 -31.24 -1.43 -17.27
CA SER A 145 -31.25 -2.65 -18.06
C SER A 145 -30.62 -3.85 -17.35
N GLY A 146 -29.80 -3.63 -16.34
CA GLY A 146 -29.07 -4.71 -15.73
C GLY A 146 -27.81 -5.13 -16.48
N LYS A 147 -27.50 -4.50 -17.60
CA LYS A 147 -26.31 -4.92 -18.33
C LYS A 147 -25.06 -4.44 -17.62
N LYS A 148 -24.00 -5.22 -17.76
CA LYS A 148 -22.74 -4.85 -17.15
C LYS A 148 -22.22 -3.57 -17.78
N ARG A 149 -21.71 -2.66 -16.95
CA ARG A 149 -21.25 -1.38 -17.47
C ARG A 149 -19.77 -1.37 -17.80
N GLY A 150 -19.03 -2.41 -17.45
CA GLY A 150 -17.63 -2.47 -17.82
C GLY A 150 -16.67 -1.93 -16.77
N PHE A 151 -17.11 -1.78 -15.53
CA PHE A 151 -16.21 -1.39 -14.45
C PHE A 151 -16.72 -1.98 -13.14
N ALA A 152 -15.85 -1.92 -12.12
CA ALA A 152 -16.14 -2.57 -10.86
C ALA A 152 -15.39 -1.83 -9.76
N PHE A 153 -15.79 -2.12 -8.52
CA PHE A 153 -15.09 -1.66 -7.33
C PHE A 153 -14.69 -2.86 -6.48
N VAL A 154 -13.46 -2.83 -5.99
CA VAL A 154 -12.96 -3.87 -5.11
C VAL A 154 -12.55 -3.19 -3.82
N THR A 155 -13.04 -3.70 -2.69
CA THR A 155 -12.70 -3.20 -1.36
C THR A 155 -11.87 -4.24 -0.64
N PHE A 156 -10.72 -3.81 -0.10
CA PHE A 156 -9.82 -4.67 0.64
C PHE A 156 -9.92 -4.37 2.12
N ASP A 157 -9.29 -5.24 2.92
CA ASP A 157 -9.31 -4.99 4.36
C ASP A 157 -8.23 -4.03 4.83
N ASP A 158 -7.41 -3.52 3.92
CA ASP A 158 -6.26 -2.71 4.33
C ASP A 158 -5.77 -1.91 3.14
N HIS A 159 -5.21 -0.74 3.44
CA HIS A 159 -4.82 0.21 2.41
C HIS A 159 -3.59 -0.21 1.63
N ASP A 160 -2.73 -1.08 2.17
CA ASP A 160 -1.48 -1.33 1.45
C ASP A 160 -1.75 -2.08 0.15
N SER A 161 -2.78 -2.92 0.13
N SER A 161 -2.78 -2.92 0.13
CA SER A 161 -3.19 -3.57 -1.11
CA SER A 161 -3.18 -3.58 -1.12
C SER A 161 -3.42 -2.55 -2.21
C SER A 161 -3.43 -2.56 -2.21
N VAL A 162 -4.22 -1.53 -1.91
CA VAL A 162 -4.50 -0.47 -2.89
C VAL A 162 -3.21 0.25 -3.27
N ASP A 163 -2.35 0.53 -2.30
CA ASP A 163 -1.13 1.25 -2.61
C ASP A 163 -0.24 0.47 -3.57
N LYS A 164 -0.13 -0.86 -3.36
CA LYS A 164 0.62 -1.69 -4.31
C LYS A 164 -0.04 -1.68 -5.69
N ILE A 165 -1.36 -1.72 -5.72
CA ILE A 165 -2.06 -1.83 -6.98
C ILE A 165 -1.88 -0.58 -7.82
N VAL A 166 -2.05 0.61 -7.23
CA VAL A 166 -2.11 1.80 -8.09
C VAL A 166 -0.75 2.27 -8.58
N ILE A 167 0.34 1.72 -8.04
CA ILE A 167 1.65 2.10 -8.56
C ILE A 167 2.10 1.21 -9.71
N GLN A 168 1.41 0.09 -9.97
CA GLN A 168 1.71 -0.70 -11.16
C GLN A 168 1.34 0.07 -12.41
N LYS A 169 2.18 -0.07 -13.45
CA LYS A 169 1.90 0.55 -14.74
C LYS A 169 0.72 -0.12 -15.44
N TYR A 170 0.54 -1.43 -15.25
CA TYR A 170 -0.43 -2.22 -16.01
C TYR A 170 -1.19 -3.16 -15.10
N HIS A 171 -2.45 -3.42 -15.46
CA HIS A 171 -3.24 -4.50 -14.85
C HIS A 171 -3.98 -5.22 -15.96
N THR A 172 -3.76 -6.53 -16.05
CA THR A 172 -4.42 -7.39 -17.03
C THR A 172 -5.31 -8.36 -16.29
N VAL A 173 -6.62 -8.26 -16.56
CA VAL A 173 -7.63 -9.11 -15.93
C VAL A 173 -8.54 -9.63 -17.01
N ASN A 174 -8.69 -10.96 -17.10
CA ASN A 174 -9.59 -11.56 -18.09
C ASN A 174 -9.22 -11.09 -19.50
N GLY A 175 -7.92 -11.02 -19.76
CA GLY A 175 -7.43 -10.58 -21.06
C GLY A 175 -7.62 -9.11 -21.37
N HIS A 176 -8.13 -8.32 -20.43
CA HIS A 176 -8.39 -6.91 -20.66
C HIS A 176 -7.28 -6.09 -20.01
N ASN A 177 -6.87 -5.02 -20.66
CA ASN A 177 -5.97 -4.04 -20.08
C ASN A 177 -6.81 -3.03 -19.27
N CYS A 178 -6.69 -3.06 -17.95
CA CYS A 178 -7.59 -2.32 -17.07
C CYS A 178 -6.97 -1.01 -16.58
N GLU A 179 -7.85 -0.05 -16.33
CA GLU A 179 -7.52 1.20 -15.65
C GLU A 179 -7.91 1.07 -14.19
N VAL A 180 -6.97 1.30 -13.28
CA VAL A 180 -7.25 1.11 -11.86
C VAL A 180 -6.87 2.37 -11.11
N ARG A 181 -7.77 2.86 -10.26
CA ARG A 181 -7.49 4.04 -9.47
C ARG A 181 -8.12 3.90 -8.09
N LYS A 182 -7.59 4.69 -7.15
CA LYS A 182 -8.19 4.77 -5.82
C LYS A 182 -9.61 5.27 -5.95
N ALA A 183 -10.51 4.67 -5.17
CA ALA A 183 -11.93 5.04 -5.14
C ALA A 183 -12.28 5.58 -3.76
N LEU A 184 -13.01 6.70 -3.75
CA LEU A 184 -13.36 7.39 -2.50
C LEU A 184 -14.86 7.25 -2.19
N1 A1H9T B . -18.45 -10.98 -3.96
N3 A1H9T B . -21.80 -10.19 -4.71
C4 A1H9T B . -14.87 -10.94 -0.74
C5 A1H9T B . -16.04 -10.39 -1.24
C6 A1H9T B . -16.55 -10.81 -2.46
C7 A1H9T B . -17.82 -10.23 -3.01
C8 A1H9T B . -19.80 -10.99 -4.19
C1 A1H9T B . -15.85 -11.79 -3.12
C2 A1H9T B . -14.68 -12.34 -2.65
C3 A1H9T B . -14.20 -11.91 -1.44
C9 A1H9T B . -22.05 -11.45 -4.71
F1 A1H9T B . -16.32 -12.23 -4.32
N2 A1H9T B . -20.48 -9.90 -4.37
O1 A1H9T B . -18.32 -9.21 -2.56
S1 A1H9T B . -20.73 -12.45 -4.22
#